data_4R7H
#
_entry.id   4R7H
#
_cell.length_a   63.984
_cell.length_b   63.984
_cell.length_c   185.041
_cell.angle_alpha   90.00
_cell.angle_beta   90.00
_cell.angle_gamma   90.00
#
_symmetry.space_group_name_H-M   'P 43 21 2'
#
loop_
_entity.id
_entity.type
_entity.pdbx_description
1 polymer 'Macrophage colony-stimulating factor 1 receptor'
2 non-polymer 5-[(5-chloro-1H-pyrrolo[2,3-b]pyridin-3-yl)methyl]-N-{[6-(trifluoromethyl)pyridin-3-yl]methyl}pyridin-2-amine
3 water water
#
_entity_poly.entity_id   1
_entity_poly.type   'polypeptide(L)'
_entity_poly.pdbx_seq_one_letter_code
;MKKGHHHHHHGQKPKYQVRWKIIESYEGNSYTFIDPTQLPYNEKWEFPRNNLQFGKTLGAGAFGKVVEATAFGLGKEDAV
LKVAVKMLKSTAHADEKEALMSELKIMSHLGQHENIVNLLGACTHGGPVLVITEYCTYGDLLNFLRRKAEAMLGPSLSPG
QDPEGLDKEDGRPLELRDLLHFSSQVAQGMAFLASKNCIHRDVAARNVLLTNGHVAKIGDFGLARDIMNDSNYIVKGNAR
LPVKWMAPESIFDSVYTVQSDVWSYGILLWEIFSLGLNPYPGILVNSKFYKLVKDGYQMAQPAFAPKNIYSIMQACWALE
PTHRPTFQQITSFLQEQAQEDRR
;
_entity_poly.pdbx_strand_id   A
#
loop_
_chem_comp.id
_chem_comp.type
_chem_comp.name
_chem_comp.formula
P31 non-polymer 5-[(5-chloro-1H-pyrrolo[2,3-b]pyridin-3-yl)methyl]-N-{[6-(trifluoromethyl)pyridin-3-yl]methyl}pyridin-2-amine 'C20 H15 Cl F3 N5'
#
# COMPACT_ATOMS: atom_id res chain seq x y z
N PRO A 14 -1.51 8.61 -19.10
CA PRO A 14 -1.89 9.99 -18.79
C PRO A 14 -3.05 10.04 -17.80
N LYS A 15 -4.19 9.48 -18.20
CA LYS A 15 -5.38 9.46 -17.35
C LYS A 15 -5.20 8.53 -16.16
N TYR A 16 -5.41 9.06 -14.95
CA TYR A 16 -5.28 8.27 -13.73
C TYR A 16 -6.30 7.14 -13.68
N GLN A 17 -5.87 5.95 -13.28
CA GLN A 17 -6.78 4.84 -13.06
C GLN A 17 -6.59 4.30 -11.64
N VAL A 18 -7.68 3.82 -11.04
CA VAL A 18 -7.64 3.25 -9.71
C VAL A 18 -6.61 2.12 -9.64
N ARG A 19 -5.97 1.99 -8.48
CA ARG A 19 -4.92 0.99 -8.34
C ARG A 19 -5.44 -0.42 -8.11
N TRP A 20 -6.26 -0.62 -7.08
CA TRP A 20 -6.76 -1.97 -6.79
C TRP A 20 -7.79 -2.42 -7.82
N LYS A 21 -7.76 -3.71 -8.14
CA LYS A 21 -8.66 -4.27 -9.14
C LYS A 21 -9.32 -5.54 -8.62
N ILE A 22 -10.61 -5.69 -8.91
CA ILE A 22 -11.36 -6.89 -8.54
C ILE A 22 -11.59 -7.76 -9.76
N ILE A 23 -11.10 -8.98 -9.72
CA ILE A 23 -11.33 -9.94 -10.80
C ILE A 23 -12.65 -10.66 -10.55
N GLU A 24 -13.33 -11.06 -11.63
CA GLU A 24 -14.53 -11.87 -11.49
C GLU A 24 -14.40 -13.21 -12.21
N SER A 25 -13.61 -13.23 -13.28
CA SER A 25 -13.34 -14.47 -14.01
C SER A 25 -11.85 -14.80 -14.01
N TYR A 31 -8.34 -12.83 -17.92
CA TYR A 31 -8.76 -12.14 -16.70
C TYR A 31 -9.82 -11.09 -16.97
N THR A 32 -10.95 -11.21 -16.27
CA THR A 32 -12.02 -10.24 -16.38
C THR A 32 -12.17 -9.45 -15.08
N PHE A 33 -11.85 -8.17 -15.14
CA PHE A 33 -11.98 -7.31 -13.97
C PHE A 33 -13.36 -6.67 -13.94
N ILE A 34 -13.92 -6.51 -12.76
CA ILE A 34 -15.20 -5.85 -12.62
C ILE A 34 -15.00 -4.34 -12.77
N ASP A 35 -16.04 -3.66 -13.20
CA ASP A 35 -15.99 -2.21 -13.37
C ASP A 35 -16.44 -1.54 -12.08
N PRO A 36 -15.50 -0.91 -11.36
CA PRO A 36 -15.76 -0.30 -10.05
C PRO A 36 -16.86 0.75 -10.11
N THR A 37 -17.02 1.39 -11.26
CA THR A 37 -18.06 2.39 -11.44
C THR A 37 -19.44 1.74 -11.37
N GLN A 38 -19.49 0.42 -11.54
CA GLN A 38 -20.75 -0.33 -11.51
C GLN A 38 -21.05 -0.85 -10.11
N LEU A 39 -20.05 -0.85 -9.24
CA LEU A 39 -20.25 -1.22 -7.85
C LEU A 39 -21.20 -0.24 -7.18
N PRO A 40 -22.09 -0.76 -6.32
CA PRO A 40 -23.06 0.10 -5.62
C PRO A 40 -22.38 0.95 -4.56
N TYR A 41 -22.94 2.13 -4.30
CA TYR A 41 -22.51 2.90 -3.14
C TYR A 41 -23.60 2.92 -2.09
N ASN A 42 -23.34 2.25 -0.98
CA ASN A 42 -24.26 2.27 0.14
C ASN A 42 -24.30 3.64 0.79
N GLU A 43 -25.49 4.24 0.87
CA GLU A 43 -25.67 5.53 1.52
C GLU A 43 -25.48 5.43 3.04
N LYS A 44 -25.18 4.22 3.50
CA LYS A 44 -24.93 3.95 4.92
C LYS A 44 -23.57 4.47 5.33
N TRP A 45 -22.68 4.64 4.35
CA TRP A 45 -21.34 5.15 4.59
C TRP A 45 -21.39 6.68 4.65
N GLU A 46 -22.53 7.25 4.29
CA GLU A 46 -22.65 8.70 4.18
C GLU A 46 -22.46 9.41 5.51
N PHE A 47 -21.73 10.51 5.48
CA PHE A 47 -21.38 11.25 6.68
C PHE A 47 -21.36 12.75 6.38
N PRO A 48 -21.92 13.56 7.30
CA PRO A 48 -22.00 15.02 7.12
C PRO A 48 -20.63 15.68 7.10
N ARG A 49 -20.28 16.29 5.97
CA ARG A 49 -18.99 16.94 5.82
C ARG A 49 -18.74 18.01 6.87
N ASN A 50 -19.81 18.65 7.38
CA ASN A 50 -19.69 19.65 8.44
C ASN A 50 -19.21 19.06 9.77
N ASN A 51 -19.40 17.77 9.95
CA ASN A 51 -18.93 17.09 11.16
C ASN A 51 -17.46 16.68 11.05
N LEU A 52 -16.72 17.36 10.17
CA LEU A 52 -15.30 17.15 10.02
C LEU A 52 -14.54 18.45 10.29
N GLN A 53 -13.49 18.37 11.09
CA GLN A 53 -12.63 19.52 11.36
C GLN A 53 -11.19 19.21 10.98
N PHE A 54 -10.76 19.73 9.84
CA PHE A 54 -9.47 19.35 9.28
C PHE A 54 -8.28 19.89 10.05
N GLY A 55 -7.19 19.12 10.02
CA GLY A 55 -5.93 19.52 10.61
C GLY A 55 -4.86 19.58 9.54
N LYS A 56 -3.69 19.03 9.84
CA LYS A 56 -2.56 19.09 8.92
C LYS A 56 -2.69 18.06 7.80
N THR A 57 -2.09 18.39 6.65
CA THR A 57 -2.08 17.47 5.53
C THR A 57 -1.08 16.34 5.78
N LEU A 58 -1.55 15.10 5.66
CA LEU A 58 -0.73 13.92 5.90
C LEU A 58 0.06 13.50 4.67
N GLY A 59 -0.44 13.85 3.49
CA GLY A 59 0.22 13.54 2.24
C GLY A 59 -0.52 14.16 1.07
N ALA A 60 0.22 14.68 0.10
CA ALA A 60 -0.41 15.32 -1.05
C ALA A 60 0.32 15.01 -2.35
N GLY A 61 -0.45 14.78 -3.41
CA GLY A 61 0.09 14.56 -4.73
C GLY A 61 -0.21 15.75 -5.63
N ALA A 62 -0.35 15.48 -6.93
CA ALA A 62 -0.63 16.54 -7.90
C ALA A 62 -2.11 16.93 -7.91
N PHE A 63 -2.98 15.94 -7.76
CA PHE A 63 -4.41 16.17 -7.86
C PHE A 63 -5.21 15.73 -6.64
N GLY A 64 -4.51 15.24 -5.61
CA GLY A 64 -5.18 14.75 -4.42
C GLY A 64 -4.34 14.86 -3.17
N LYS A 65 -4.98 14.69 -2.02
CA LYS A 65 -4.29 14.76 -0.73
C LYS A 65 -5.02 13.99 0.38
N VAL A 66 -4.29 13.67 1.43
CA VAL A 66 -4.86 13.06 2.64
C VAL A 66 -4.66 14.00 3.82
N VAL A 67 -5.76 14.41 4.43
CA VAL A 67 -5.72 15.38 5.52
C VAL A 67 -6.24 14.76 6.81
N GLU A 68 -5.55 14.99 7.92
CA GLU A 68 -6.05 14.54 9.22
C GLU A 68 -7.25 15.40 9.59
N ALA A 69 -8.19 14.83 10.34
CA ALA A 69 -9.39 15.56 10.74
C ALA A 69 -10.03 14.90 11.94
N THR A 70 -10.87 15.65 12.65
CA THR A 70 -11.66 15.08 13.74
C THR A 70 -13.10 14.90 13.28
N ALA A 71 -13.61 13.67 13.39
CA ALA A 71 -14.99 13.39 13.02
C ALA A 71 -15.84 13.32 14.29
N PHE A 72 -17.00 13.95 14.24
CA PHE A 72 -17.89 14.03 15.40
C PHE A 72 -19.13 13.18 15.21
N GLY A 73 -19.27 12.15 16.04
CA GLY A 73 -20.40 11.25 15.94
C GLY A 73 -20.23 10.29 14.79
N LEU A 74 -18.99 9.83 14.59
CA LEU A 74 -18.69 8.90 13.51
C LEU A 74 -18.88 7.47 14.01
N GLY A 75 -19.59 6.67 13.20
CA GLY A 75 -19.80 5.28 13.55
C GLY A 75 -20.99 5.04 14.42
N LYS A 76 -21.23 3.77 14.74
CA LYS A 76 -22.35 3.33 15.54
C LYS A 76 -22.33 3.93 16.94
N GLU A 77 -21.15 3.99 17.55
CA GLU A 77 -21.02 4.48 18.91
C GLU A 77 -20.84 5.99 19.00
N ASP A 78 -21.16 6.68 17.90
CA ASP A 78 -21.11 8.15 17.84
C ASP A 78 -19.77 8.74 18.31
N ALA A 79 -18.68 8.02 18.02
CA ALA A 79 -17.36 8.40 18.49
C ALA A 79 -16.87 9.76 17.97
N VAL A 80 -15.98 10.39 18.75
CA VAL A 80 -15.30 11.60 18.32
C VAL A 80 -13.81 11.28 18.21
N LEU A 81 -13.36 10.95 17.01
CA LEU A 81 -11.98 10.51 16.85
C LEU A 81 -11.25 11.22 15.71
N LYS A 82 -9.96 10.93 15.60
CA LYS A 82 -9.13 11.50 14.55
C LYS A 82 -9.13 10.58 13.33
N VAL A 83 -9.41 11.14 12.16
CA VAL A 83 -9.47 10.36 10.93
C VAL A 83 -8.51 10.86 9.86
N ALA A 84 -8.28 10.04 8.84
CA ALA A 84 -7.61 10.49 7.63
C ALA A 84 -8.66 10.62 6.54
N VAL A 85 -8.68 11.78 5.89
CA VAL A 85 -9.68 12.05 4.86
C VAL A 85 -9.02 12.28 3.51
N LYS A 86 -9.38 11.48 2.52
CA LYS A 86 -8.83 11.63 1.18
C LYS A 86 -9.76 12.46 0.30
N MET A 87 -9.17 13.36 -0.48
CA MET A 87 -9.94 14.29 -1.30
C MET A 87 -9.09 14.75 -2.48
N LEU A 88 -9.73 15.35 -3.46
CA LEU A 88 -9.03 15.85 -4.64
C LEU A 88 -8.82 17.35 -4.56
N LYS A 89 -7.89 17.85 -5.36
CA LYS A 89 -7.66 19.29 -5.44
C LYS A 89 -8.55 19.87 -6.53
N SER A 90 -8.47 21.19 -6.71
CA SER A 90 -9.25 21.86 -7.75
C SER A 90 -8.70 21.54 -9.14
N THR A 91 -7.44 21.11 -9.18
CA THR A 91 -6.77 20.79 -10.44
C THR A 91 -7.14 19.40 -10.95
N ALA A 92 -8.22 18.85 -10.43
CA ALA A 92 -8.62 17.49 -10.78
C ALA A 92 -9.68 17.46 -11.88
N HIS A 93 -9.53 16.53 -12.81
CA HIS A 93 -10.49 16.36 -13.90
C HIS A 93 -11.53 15.28 -13.59
N ALA A 94 -12.34 14.96 -14.58
CA ALA A 94 -13.44 14.01 -14.41
C ALA A 94 -12.95 12.59 -14.12
N ASP A 95 -11.68 12.32 -14.42
CA ASP A 95 -11.12 10.98 -14.23
C ASP A 95 -10.38 10.80 -12.91
N GLU A 96 -10.12 11.89 -12.19
CA GLU A 96 -9.69 11.82 -10.80
C GLU A 96 -10.95 11.64 -9.97
N LYS A 97 -11.97 12.40 -10.34
CA LYS A 97 -13.26 12.40 -9.64
C LYS A 97 -13.85 11.01 -9.64
N GLU A 98 -13.68 10.32 -10.76
CA GLU A 98 -14.19 8.97 -10.90
C GLU A 98 -13.31 7.97 -10.18
N ALA A 99 -11.99 8.20 -10.21
CA ALA A 99 -11.05 7.32 -9.53
C ALA A 99 -11.32 7.31 -8.04
N LEU A 100 -11.62 8.48 -7.48
CA LEU A 100 -11.89 8.57 -6.06
C LEU A 100 -13.19 7.85 -5.70
N MET A 101 -14.19 7.95 -6.57
CA MET A 101 -15.45 7.27 -6.35
C MET A 101 -15.30 5.75 -6.49
N SER A 102 -14.50 5.34 -7.47
CA SER A 102 -14.23 3.91 -7.68
C SER A 102 -13.49 3.35 -6.48
N GLU A 103 -12.55 4.12 -5.95
CA GLU A 103 -11.81 3.74 -4.76
C GLU A 103 -12.75 3.50 -3.59
N LEU A 104 -13.66 4.46 -3.39
CA LEU A 104 -14.67 4.36 -2.35
C LEU A 104 -15.53 3.11 -2.50
N LYS A 105 -16.08 2.89 -3.69
CA LYS A 105 -16.90 1.72 -3.98
C LYS A 105 -16.16 0.41 -3.75
N ILE A 106 -14.87 0.38 -4.10
CA ILE A 106 -14.04 -0.81 -3.91
C ILE A 106 -13.86 -1.11 -2.43
N MET A 107 -13.53 -0.08 -1.65
CA MET A 107 -13.32 -0.25 -0.22
C MET A 107 -14.58 -0.76 0.50
N SER A 108 -15.73 -0.24 0.10
CA SER A 108 -17.00 -0.70 0.65
C SER A 108 -17.20 -2.17 0.36
N HIS A 109 -17.04 -2.53 -0.91
CA HIS A 109 -17.22 -3.91 -1.38
C HIS A 109 -16.32 -4.90 -0.65
N LEU A 110 -15.07 -4.52 -0.43
CA LEU A 110 -14.09 -5.41 0.18
C LEU A 110 -14.46 -5.82 1.60
N GLY A 111 -14.90 -4.86 2.40
CA GLY A 111 -15.19 -5.11 3.81
C GLY A 111 -14.00 -4.75 4.67
N GLN A 112 -14.06 -5.08 5.95
CA GLN A 112 -13.03 -4.66 6.89
C GLN A 112 -12.09 -5.77 7.33
N HIS A 113 -10.84 -5.38 7.58
CA HIS A 113 -9.84 -6.28 8.13
C HIS A 113 -8.87 -5.47 8.97
N GLU A 114 -8.32 -6.10 10.01
CA GLU A 114 -7.43 -5.43 10.93
C GLU A 114 -6.18 -4.88 10.23
N ASN A 115 -5.72 -5.59 9.21
CA ASN A 115 -4.46 -5.24 8.55
C ASN A 115 -4.59 -4.54 7.21
N ILE A 116 -5.71 -3.84 7.02
CA ILE A 116 -5.83 -2.91 5.90
C ILE A 116 -6.26 -1.56 6.46
N VAL A 117 -6.12 -0.51 5.64
CA VAL A 117 -6.68 0.79 5.98
C VAL A 117 -8.17 0.76 5.73
N ASN A 118 -8.95 0.80 6.80
CA ASN A 118 -10.40 0.61 6.70
C ASN A 118 -11.20 1.87 6.35
N LEU A 119 -12.27 1.67 5.60
CA LEU A 119 -13.20 2.76 5.31
C LEU A 119 -14.03 3.06 6.55
N LEU A 120 -14.13 4.34 6.90
CA LEU A 120 -14.93 4.74 8.06
C LEU A 120 -16.19 5.48 7.65
N GLY A 121 -16.14 6.16 6.50
CA GLY A 121 -17.29 6.90 6.01
C GLY A 121 -16.97 7.66 4.74
N ALA A 122 -17.96 8.39 4.23
CA ALA A 122 -17.77 9.18 3.01
C ALA A 122 -18.68 10.39 2.98
N CYS A 123 -18.29 11.38 2.17
CA CYS A 123 -19.12 12.56 1.94
C CYS A 123 -19.29 12.74 0.43
N THR A 124 -20.44 12.33 -0.09
CA THR A 124 -20.66 12.38 -1.54
C THR A 124 -21.71 13.42 -1.93
N HIS A 125 -22.45 13.94 -0.96
CA HIS A 125 -23.48 14.94 -1.22
C HIS A 125 -23.03 16.34 -0.82
N GLY A 126 -23.55 17.34 -1.53
CA GLY A 126 -23.36 18.73 -1.17
C GLY A 126 -21.92 19.23 -1.20
N GLY A 127 -21.14 18.73 -2.16
CA GLY A 127 -19.76 19.15 -2.29
C GLY A 127 -18.87 18.05 -2.84
N PRO A 128 -17.55 18.30 -2.88
CA PRO A 128 -16.55 17.35 -3.37
C PRO A 128 -16.61 16.03 -2.60
N VAL A 129 -16.23 14.94 -3.26
CA VAL A 129 -16.19 13.64 -2.62
C VAL A 129 -15.08 13.58 -1.58
N LEU A 130 -15.45 13.19 -0.36
CA LEU A 130 -14.49 12.98 0.72
C LEU A 130 -14.52 11.53 1.15
N VAL A 131 -13.37 10.88 1.20
CA VAL A 131 -13.29 9.50 1.67
C VAL A 131 -12.63 9.41 3.04
N ILE A 132 -13.39 9.01 4.05
CA ILE A 132 -12.89 8.96 5.42
C ILE A 132 -12.36 7.58 5.77
N THR A 133 -11.10 7.52 6.18
CA THR A 133 -10.48 6.26 6.56
C THR A 133 -9.81 6.35 7.92
N GLU A 134 -9.28 5.22 8.39
CA GLU A 134 -8.62 5.15 9.68
C GLU A 134 -7.37 6.00 9.73
N TYR A 135 -7.15 6.66 10.85
CA TYR A 135 -5.92 7.41 11.07
C TYR A 135 -4.86 6.48 11.67
N CYS A 136 -3.70 6.44 11.03
CA CYS A 136 -2.60 5.62 11.51
C CYS A 136 -1.49 6.51 12.07
N THR A 137 -1.38 6.50 13.39
CA THR A 137 -0.64 7.52 14.12
C THR A 137 0.87 7.54 13.89
N TYR A 138 1.43 6.43 13.41
CA TYR A 138 2.86 6.38 13.14
C TYR A 138 3.22 6.59 11.68
N GLY A 139 2.19 6.77 10.85
CA GLY A 139 2.39 7.06 9.44
C GLY A 139 2.84 5.85 8.64
N ASP A 140 3.43 6.10 7.47
CA ASP A 140 3.85 5.05 6.57
C ASP A 140 5.05 4.28 7.11
N LEU A 141 5.11 2.99 6.75
CA LEU A 141 6.11 2.07 7.28
C LEU A 141 7.54 2.45 6.89
N LEU A 142 7.72 2.89 5.65
CA LEU A 142 9.05 3.18 5.13
C LEU A 142 9.74 4.26 5.96
N ASN A 143 9.07 5.39 6.14
CA ASN A 143 9.60 6.49 6.95
C ASN A 143 9.81 6.09 8.40
N PHE A 144 8.91 5.27 8.93
CA PHE A 144 9.02 4.80 10.30
C PHE A 144 10.33 4.05 10.49
N LEU A 145 10.62 3.13 9.57
CA LEU A 145 11.82 2.31 9.66
C LEU A 145 13.07 3.15 9.50
N ARG A 146 12.98 4.17 8.66
CA ARG A 146 14.11 5.05 8.39
C ARG A 146 14.44 5.95 9.57
N ARG A 147 13.43 6.59 10.16
CA ARG A 147 13.65 7.43 11.32
C ARG A 147 14.03 6.57 12.53
N LYS A 148 13.58 5.33 12.53
CA LYS A 148 13.86 4.41 13.62
C LYS A 148 15.32 4.00 13.63
N ALA A 149 15.86 3.66 12.46
CA ALA A 149 17.26 3.30 12.31
C ALA A 149 18.15 4.45 12.78
N GLU A 150 17.76 5.67 12.42
CA GLU A 150 18.48 6.86 12.83
C GLU A 150 18.44 7.05 14.34
N ALA A 151 17.31 6.71 14.96
CA ALA A 151 17.13 6.87 16.39
C ALA A 151 17.97 5.87 17.19
N MET A 152 18.30 4.74 16.56
CA MET A 152 19.10 3.72 17.22
C MET A 152 20.59 3.99 17.09
N LEU A 153 20.97 4.56 15.94
CA LEU A 153 22.37 4.90 15.70
C LEU A 153 22.75 6.16 16.48
N GLY A 154 21.73 6.86 16.98
CA GLY A 154 21.90 8.09 17.74
C GLY A 154 22.91 8.05 18.86
N PRO A 155 22.64 7.25 19.91
CA PRO A 155 23.53 7.13 21.08
C PRO A 155 24.99 6.90 20.74
N SER A 156 25.26 6.19 19.64
CA SER A 156 26.63 5.97 19.20
C SER A 156 27.21 7.24 18.59
N LEU A 157 26.35 8.01 17.92
CA LEU A 157 26.78 9.17 17.15
C LEU A 157 26.08 10.44 17.62
N GLY A 171 11.79 6.57 22.19
CA GLY A 171 11.06 5.40 21.74
C GLY A 171 11.88 4.12 21.80
N ARG A 172 11.20 3.02 22.11
CA ARG A 172 11.83 1.69 22.20
C ARG A 172 12.54 1.37 20.89
N PRO A 173 13.76 0.78 20.96
CA PRO A 173 14.40 0.36 19.71
C PRO A 173 13.66 -0.81 19.08
N LEU A 174 13.87 -1.05 17.79
CA LEU A 174 13.25 -2.19 17.15
C LEU A 174 14.01 -3.48 17.46
N GLU A 175 13.29 -4.59 17.39
CA GLU A 175 13.89 -5.91 17.51
C GLU A 175 13.50 -6.72 16.29
N LEU A 176 14.14 -7.86 16.10
CA LEU A 176 13.85 -8.73 14.97
C LEU A 176 12.38 -9.16 14.98
N ARG A 177 11.82 -9.29 16.18
CA ARG A 177 10.43 -9.69 16.34
C ARG A 177 9.47 -8.67 15.75
N ASP A 178 9.84 -7.39 15.85
CA ASP A 178 9.03 -6.30 15.30
C ASP A 178 8.96 -6.39 13.78
N LEU A 179 10.10 -6.68 13.16
CA LEU A 179 10.16 -6.80 11.71
C LEU A 179 9.29 -7.96 11.23
N LEU A 180 9.37 -9.07 11.95
CA LEU A 180 8.56 -10.25 11.64
C LEU A 180 7.08 -9.97 11.80
N HIS A 181 6.72 -9.23 12.85
CA HIS A 181 5.34 -8.86 13.10
C HIS A 181 4.80 -7.98 11.97
N PHE A 182 5.57 -6.97 11.61
CA PHE A 182 5.20 -6.06 10.53
C PHE A 182 4.96 -6.84 9.24
N SER A 183 5.87 -7.76 8.95
CA SER A 183 5.81 -8.58 7.75
C SER A 183 4.56 -9.47 7.71
N SER A 184 4.32 -10.19 8.81
CA SER A 184 3.18 -11.09 8.86
C SER A 184 1.90 -10.28 8.77
N GLN A 185 1.87 -9.14 9.46
CA GLN A 185 0.69 -8.28 9.46
C GLN A 185 0.31 -7.80 8.07
N VAL A 186 1.31 -7.39 7.28
CA VAL A 186 1.06 -6.95 5.92
C VAL A 186 0.60 -8.12 5.05
N ALA A 187 1.28 -9.25 5.18
CA ALA A 187 0.91 -10.46 4.44
C ALA A 187 -0.49 -10.90 4.82
N GLN A 188 -0.85 -10.67 6.07
CA GLN A 188 -2.18 -10.99 6.58
C GLN A 188 -3.23 -10.11 5.90
N GLY A 189 -2.91 -8.83 5.73
CA GLY A 189 -3.80 -7.90 5.04
C GLY A 189 -3.90 -8.23 3.57
N MET A 190 -2.78 -8.65 2.98
CA MET A 190 -2.76 -9.02 1.58
C MET A 190 -3.47 -10.33 1.34
N ALA A 191 -3.44 -11.21 2.34
CA ALA A 191 -4.15 -12.47 2.27
C ALA A 191 -5.64 -12.21 2.20
N PHE A 192 -6.09 -11.24 3.01
CA PHE A 192 -7.49 -10.84 3.03
C PHE A 192 -7.95 -10.32 1.66
N LEU A 193 -7.13 -9.47 1.06
CA LEU A 193 -7.44 -8.91 -0.25
C LEU A 193 -7.56 -10.00 -1.32
N ALA A 194 -6.60 -10.90 -1.35
CA ALA A 194 -6.60 -12.00 -2.33
C ALA A 194 -7.85 -12.86 -2.19
N SER A 195 -8.30 -13.04 -0.96
CA SER A 195 -9.50 -13.82 -0.68
C SER A 195 -10.75 -13.14 -1.25
N LYS A 196 -10.62 -11.86 -1.56
CA LYS A 196 -11.71 -11.10 -2.17
C LYS A 196 -11.40 -10.84 -3.64
N ASN A 197 -10.41 -11.58 -4.17
CA ASN A 197 -9.97 -11.43 -5.55
C ASN A 197 -9.53 -10.02 -5.88
N CYS A 198 -8.97 -9.33 -4.89
CA CYS A 198 -8.54 -7.96 -5.08
C CYS A 198 -7.03 -7.88 -5.30
N ILE A 199 -6.62 -7.05 -6.26
CA ILE A 199 -5.22 -6.90 -6.61
C ILE A 199 -4.75 -5.48 -6.31
N HIS A 200 -3.75 -5.34 -5.45
CA HIS A 200 -3.27 -4.03 -5.00
C HIS A 200 -2.57 -3.22 -6.10
N ARG A 201 -1.54 -3.82 -6.72
CA ARG A 201 -0.78 -3.23 -7.82
C ARG A 201 0.24 -2.15 -7.44
N ASP A 202 0.32 -1.83 -6.15
CA ASP A 202 1.38 -0.94 -5.66
C ASP A 202 1.81 -1.30 -4.24
N VAL A 203 2.08 -2.59 -4.03
CA VAL A 203 2.54 -3.06 -2.72
C VAL A 203 3.95 -2.58 -2.44
N ALA A 204 4.09 -1.70 -1.46
CA ALA A 204 5.37 -1.14 -1.06
C ALA A 204 5.29 -0.61 0.37
N ALA A 205 6.43 -0.52 1.04
CA ALA A 205 6.49 -0.04 2.42
C ALA A 205 5.91 1.36 2.55
N ARG A 206 6.03 2.15 1.48
CA ARG A 206 5.48 3.50 1.45
C ARG A 206 3.96 3.48 1.48
N ASN A 207 3.37 2.32 1.18
CA ASN A 207 1.91 2.18 1.18
C ASN A 207 1.39 1.36 2.34
N VAL A 208 2.26 1.12 3.32
CA VAL A 208 1.88 0.43 4.53
C VAL A 208 1.81 1.44 5.66
N LEU A 209 0.71 1.42 6.42
CA LEU A 209 0.54 2.37 7.51
C LEU A 209 0.69 1.69 8.88
N LEU A 210 1.23 2.43 9.85
CA LEU A 210 1.36 1.93 11.22
C LEU A 210 0.43 2.65 12.18
N THR A 211 -0.42 1.88 12.85
CA THR A 211 -1.43 2.47 13.72
C THR A 211 -1.05 2.24 15.19
N ASN A 212 -1.96 2.56 16.11
CA ASN A 212 -1.73 2.33 17.54
C ASN A 212 -1.24 0.92 17.81
N GLY A 213 -0.26 0.80 18.70
CA GLY A 213 0.29 -0.50 19.03
C GLY A 213 1.22 -1.00 17.93
N HIS A 214 1.49 -0.13 16.96
CA HIS A 214 2.36 -0.46 15.84
C HIS A 214 1.84 -1.66 15.04
N VAL A 215 0.55 -1.61 14.71
CA VAL A 215 -0.07 -2.61 13.85
C VAL A 215 -0.02 -2.16 12.38
N ALA A 216 0.51 -3.02 11.53
CA ALA A 216 0.67 -2.71 10.12
C ALA A 216 -0.63 -2.85 9.33
N LYS A 217 -0.92 -1.85 8.50
CA LYS A 217 -2.09 -1.86 7.65
C LYS A 217 -1.69 -1.52 6.22
N ILE A 218 -2.06 -2.39 5.28
CA ILE A 218 -1.81 -2.10 3.87
C ILE A 218 -2.87 -1.16 3.31
N GLY A 219 -2.41 -0.06 2.72
CA GLY A 219 -3.29 0.88 2.04
C GLY A 219 -2.69 1.34 0.74
N ASP A 220 -3.10 2.52 0.28
CA ASP A 220 -2.53 3.12 -0.92
C ASP A 220 -2.85 4.61 -0.97
N PHE A 221 -1.80 5.44 -0.99
CA PHE A 221 -1.98 6.88 -1.07
C PHE A 221 -2.61 7.28 -2.39
N GLY A 222 -2.19 6.63 -3.46
CA GLY A 222 -2.74 6.86 -4.78
C GLY A 222 -2.71 8.30 -5.22
N LEU A 223 -3.89 8.89 -5.38
CA LEU A 223 -4.05 10.31 -5.73
C LEU A 223 -3.26 11.24 -4.80
N ALA A 224 -3.08 10.81 -3.55
CA ALA A 224 -2.45 11.63 -2.53
C ALA A 224 -0.95 11.44 -2.44
N ARG A 225 -0.36 10.88 -3.49
CA ARG A 225 1.09 10.71 -3.54
C ARG A 225 1.67 11.56 -4.67
N ASP A 226 2.80 12.21 -4.40
CA ASP A 226 3.47 13.04 -5.40
C ASP A 226 4.33 12.18 -6.33
N ILE A 227 3.70 11.33 -7.13
CA ILE A 227 4.42 10.39 -7.99
C ILE A 227 5.19 11.11 -9.10
N MET A 228 4.76 12.32 -9.43
CA MET A 228 5.39 13.10 -10.50
C MET A 228 6.81 13.51 -10.14
N ASN A 229 7.10 13.53 -8.84
CA ASN A 229 8.42 13.92 -8.34
C ASN A 229 9.03 12.86 -7.44
N ASP A 230 8.43 11.67 -7.44
CA ASP A 230 8.94 10.57 -6.63
C ASP A 230 9.90 9.72 -7.46
N SER A 231 11.16 9.66 -7.03
CA SER A 231 12.19 8.96 -7.77
C SER A 231 11.97 7.44 -7.79
N ASN A 232 11.06 6.97 -6.95
CA ASN A 232 10.71 5.54 -6.90
C ASN A 232 9.79 5.16 -8.04
N TYR A 233 9.20 6.17 -8.68
CA TYR A 233 8.34 5.95 -9.82
C TYR A 233 9.04 6.37 -11.10
N ILE A 234 9.20 5.42 -12.02
CA ILE A 234 9.96 5.64 -13.25
C ILE A 234 9.03 5.87 -14.43
N VAL A 235 9.41 6.79 -15.31
CA VAL A 235 8.70 6.96 -16.57
C VAL A 235 8.92 5.73 -17.46
N LYS A 236 7.84 5.03 -17.77
CA LYS A 236 7.92 3.88 -18.67
C LYS A 236 6.88 4.03 -19.77
N GLY A 237 7.28 4.68 -20.86
CA GLY A 237 6.34 5.04 -21.92
C GLY A 237 5.51 6.23 -21.50
N ASN A 238 4.23 5.99 -21.23
CA ASN A 238 3.31 7.05 -20.83
C ASN A 238 2.75 6.89 -19.42
N ALA A 239 3.54 6.31 -18.54
CA ALA A 239 3.11 6.11 -17.16
C ALA A 239 4.28 6.30 -16.20
N ARG A 240 3.95 6.51 -14.93
CA ARG A 240 4.93 6.49 -13.86
C ARG A 240 4.67 5.21 -13.08
N LEU A 241 5.58 4.25 -13.18
CA LEU A 241 5.37 2.95 -12.55
C LEU A 241 6.44 2.69 -11.49
N PRO A 242 6.07 1.95 -10.42
CA PRO A 242 7.03 1.57 -9.37
C PRO A 242 7.87 0.39 -9.83
N VAL A 243 8.58 0.58 -10.94
CA VAL A 243 9.28 -0.50 -11.64
C VAL A 243 10.07 -1.47 -10.76
N LYS A 244 10.79 -0.93 -9.78
CA LYS A 244 11.63 -1.76 -8.92
C LYS A 244 10.83 -2.68 -7.99
N TRP A 245 9.53 -2.46 -7.93
CA TRP A 245 8.65 -3.30 -7.11
C TRP A 245 7.84 -4.26 -7.98
N MET A 246 7.94 -4.10 -9.29
CA MET A 246 7.07 -4.80 -10.22
C MET A 246 7.60 -6.15 -10.70
N ALA A 247 6.70 -7.11 -10.84
CA ALA A 247 7.04 -8.43 -11.38
C ALA A 247 7.37 -8.29 -12.86
N PRO A 248 8.14 -9.25 -13.42
CA PRO A 248 8.49 -9.20 -14.83
C PRO A 248 7.27 -9.17 -15.75
N GLU A 249 6.28 -10.02 -15.49
CA GLU A 249 5.09 -10.08 -16.34
C GLU A 249 4.33 -8.76 -16.35
N SER A 250 4.45 -7.98 -15.28
CA SER A 250 3.82 -6.66 -15.22
C SER A 250 4.60 -5.67 -16.06
N ILE A 251 5.92 -5.69 -15.91
CA ILE A 251 6.79 -4.78 -16.64
C ILE A 251 6.67 -4.97 -18.15
N PHE A 252 6.75 -6.22 -18.60
CA PHE A 252 6.83 -6.52 -20.02
C PHE A 252 5.47 -6.76 -20.69
N ASP A 253 4.52 -7.31 -19.94
CA ASP A 253 3.23 -7.69 -20.52
C ASP A 253 2.04 -6.94 -19.94
N SER A 254 2.29 -6.05 -18.98
CA SER A 254 1.23 -5.33 -18.28
C SER A 254 0.25 -6.28 -17.58
N VAL A 255 0.74 -7.44 -17.17
CA VAL A 255 -0.09 -8.42 -16.49
C VAL A 255 -0.02 -8.23 -14.97
N TYR A 256 -1.18 -8.07 -14.35
CA TYR A 256 -1.26 -7.89 -12.91
C TYR A 256 -2.16 -8.97 -12.30
N THR A 257 -1.61 -9.72 -11.35
CA THR A 257 -2.36 -10.76 -10.66
C THR A 257 -2.12 -10.66 -9.16
N VAL A 258 -2.65 -11.63 -8.42
CA VAL A 258 -2.32 -11.76 -7.02
C VAL A 258 -0.85 -12.16 -6.92
N GLN A 259 -0.40 -12.95 -7.88
CA GLN A 259 0.99 -13.40 -7.93
C GLN A 259 1.97 -12.25 -8.18
N SER A 260 1.54 -11.26 -8.95
CA SER A 260 2.41 -10.11 -9.21
C SER A 260 2.49 -9.21 -7.98
N ASP A 261 1.44 -9.21 -7.17
CA ASP A 261 1.47 -8.55 -5.87
C ASP A 261 2.45 -9.25 -4.94
N VAL A 262 2.49 -10.58 -5.03
CA VAL A 262 3.36 -11.38 -4.20
C VAL A 262 4.83 -11.05 -4.47
N TRP A 263 5.16 -10.82 -5.74
CA TRP A 263 6.50 -10.39 -6.12
C TRP A 263 6.81 -9.08 -5.41
N SER A 264 5.91 -8.12 -5.54
CA SER A 264 6.04 -6.82 -4.92
C SER A 264 6.18 -6.93 -3.40
N TYR A 265 5.46 -7.88 -2.82
CA TYR A 265 5.58 -8.15 -1.39
C TYR A 265 6.99 -8.59 -1.03
N GLY A 266 7.58 -9.41 -1.89
CA GLY A 266 8.95 -9.83 -1.72
C GLY A 266 9.90 -8.65 -1.69
N ILE A 267 9.63 -7.64 -2.50
CA ILE A 267 10.43 -6.41 -2.50
C ILE A 267 10.19 -5.65 -1.20
N LEU A 268 8.93 -5.62 -0.76
CA LEU A 268 8.56 -4.99 0.50
C LEU A 268 9.28 -5.66 1.66
N LEU A 269 9.36 -6.98 1.59
CA LEU A 269 10.04 -7.75 2.62
C LEU A 269 11.50 -7.33 2.70
N TRP A 270 12.08 -7.06 1.54
CA TRP A 270 13.47 -6.60 1.46
C TRP A 270 13.60 -5.19 2.04
N GLU A 271 12.60 -4.34 1.81
CA GLU A 271 12.59 -3.00 2.39
C GLU A 271 12.58 -3.07 3.91
N ILE A 272 11.74 -3.94 4.45
CA ILE A 272 11.60 -4.08 5.89
C ILE A 272 12.90 -4.53 6.55
N PHE A 273 13.49 -5.60 6.02
CA PHE A 273 14.67 -6.20 6.64
C PHE A 273 15.97 -5.53 6.24
N SER A 274 15.87 -4.35 5.63
CA SER A 274 17.03 -3.52 5.38
C SER A 274 16.81 -2.16 6.04
N LEU A 275 15.73 -2.06 6.81
CA LEU A 275 15.34 -0.82 7.47
C LEU A 275 15.18 0.37 6.51
N GLY A 276 14.60 0.11 5.35
CA GLY A 276 14.20 1.18 4.46
C GLY A 276 15.15 1.56 3.35
N LEU A 277 16.04 0.65 2.96
CA LEU A 277 16.90 0.91 1.81
C LEU A 277 16.06 0.92 0.54
N ASN A 278 16.53 1.65 -0.47
CA ASN A 278 15.93 1.59 -1.80
C ASN A 278 16.25 0.25 -2.44
N PRO A 279 15.26 -0.34 -3.13
CA PRO A 279 15.48 -1.59 -3.86
C PRO A 279 16.54 -1.40 -4.95
N TYR A 280 17.36 -2.43 -5.16
CA TYR A 280 18.44 -2.37 -6.14
C TYR A 280 19.24 -1.09 -6.01
N PRO A 281 19.86 -0.89 -4.84
CA PRO A 281 20.51 0.38 -4.51
C PRO A 281 21.55 0.79 -5.56
N GLY A 282 21.48 2.05 -5.99
CA GLY A 282 22.47 2.60 -6.91
C GLY A 282 22.29 2.21 -8.36
N ILE A 283 21.37 1.30 -8.64
CA ILE A 283 21.18 0.79 -10.00
C ILE A 283 20.12 1.58 -10.79
N LEU A 284 20.55 2.13 -11.92
CA LEU A 284 19.67 2.90 -12.79
C LEU A 284 18.71 1.99 -13.54
N VAL A 285 17.44 2.39 -13.59
CA VAL A 285 16.46 1.65 -14.36
C VAL A 285 16.66 1.93 -15.85
N ASN A 286 17.07 0.90 -16.58
CA ASN A 286 17.31 1.01 -18.01
C ASN A 286 17.15 -0.34 -18.71
N SER A 287 17.51 -0.40 -19.99
CA SER A 287 17.41 -1.63 -20.76
C SER A 287 18.09 -2.81 -20.07
N LYS A 288 19.29 -2.56 -19.53
CA LYS A 288 20.04 -3.60 -18.84
C LYS A 288 19.28 -4.11 -17.62
N PHE A 289 18.71 -3.18 -16.85
CA PHE A 289 17.98 -3.53 -15.63
C PHE A 289 16.80 -4.45 -15.94
N TYR A 290 16.03 -4.10 -16.96
CA TYR A 290 14.90 -4.92 -17.36
C TYR A 290 15.37 -6.28 -17.82
N LYS A 291 16.53 -6.31 -18.47
CA LYS A 291 17.11 -7.55 -18.97
C LYS A 291 17.49 -8.46 -17.81
N LEU A 292 18.14 -7.88 -16.80
CA LEU A 292 18.57 -8.63 -15.62
C LEU A 292 17.40 -9.20 -14.84
N VAL A 293 16.39 -8.37 -14.60
CA VAL A 293 15.18 -8.79 -13.90
C VAL A 293 14.55 -9.98 -14.61
N LYS A 294 14.41 -9.86 -15.92
CA LYS A 294 13.84 -10.89 -16.77
C LYS A 294 14.67 -12.18 -16.71
N ASP A 295 15.98 -12.02 -16.55
CA ASP A 295 16.90 -13.16 -16.54
C ASP A 295 17.16 -13.72 -15.14
N GLY A 296 16.36 -13.30 -14.16
CA GLY A 296 16.42 -13.91 -12.84
C GLY A 296 17.39 -13.28 -11.85
N TYR A 297 17.84 -12.07 -12.13
CA TYR A 297 18.68 -11.35 -11.18
C TYR A 297 17.87 -10.99 -9.95
N GLN A 298 18.44 -11.25 -8.77
CA GLN A 298 17.76 -10.95 -7.52
C GLN A 298 18.68 -10.17 -6.60
N MET A 299 18.10 -9.29 -5.80
CA MET A 299 18.86 -8.56 -4.78
C MET A 299 19.54 -9.53 -3.83
N ALA A 300 20.61 -9.05 -3.18
CA ALA A 300 21.29 -9.85 -2.18
C ALA A 300 20.53 -9.81 -0.86
N GLN A 301 20.88 -10.73 0.04
CA GLN A 301 20.26 -10.81 1.35
C GLN A 301 20.46 -9.51 2.10
N PRO A 302 19.37 -8.95 2.65
CA PRO A 302 19.44 -7.71 3.43
C PRO A 302 20.24 -7.93 4.71
N ALA A 303 20.60 -6.83 5.38
CA ALA A 303 21.49 -6.91 6.52
C ALA A 303 20.84 -7.56 7.75
N PHE A 304 19.52 -7.46 7.85
CA PHE A 304 18.83 -7.90 9.06
C PHE A 304 17.86 -9.05 8.82
N ALA A 305 17.93 -9.63 7.63
CA ALA A 305 17.07 -10.76 7.27
C ALA A 305 17.68 -12.08 7.67
N PRO A 306 16.93 -12.90 8.43
CA PRO A 306 17.34 -14.28 8.66
C PRO A 306 17.30 -15.05 7.35
N LYS A 307 18.09 -16.10 7.23
CA LYS A 307 18.11 -16.93 6.01
C LYS A 307 16.70 -17.35 5.62
N ASN A 308 15.93 -17.77 6.64
CA ASN A 308 14.52 -18.07 6.50
C ASN A 308 13.74 -17.07 5.66
N ILE A 309 13.91 -15.80 5.99
CA ILE A 309 13.13 -14.72 5.39
C ILE A 309 13.64 -14.38 3.99
N TYR A 310 14.95 -14.48 3.80
CA TYR A 310 15.53 -14.21 2.49
C TYR A 310 15.06 -15.25 1.48
N SER A 311 14.86 -16.48 1.95
CA SER A 311 14.34 -17.55 1.10
C SER A 311 12.93 -17.22 0.64
N ILE A 312 12.10 -16.75 1.57
CA ILE A 312 10.76 -16.30 1.27
C ILE A 312 10.79 -15.22 0.18
N MET A 313 11.72 -14.28 0.30
CA MET A 313 11.91 -13.24 -0.71
C MET A 313 12.18 -13.88 -2.06
N GLN A 314 13.17 -14.79 -2.06
CA GLN A 314 13.57 -15.49 -3.26
C GLN A 314 12.42 -16.24 -3.90
N ALA A 315 11.55 -16.83 -3.07
CA ALA A 315 10.40 -17.56 -3.57
C ALA A 315 9.39 -16.60 -4.20
N CYS A 316 9.24 -15.43 -3.60
CA CYS A 316 8.36 -14.39 -4.14
C CYS A 316 8.88 -13.89 -5.48
N TRP A 317 10.16 -14.11 -5.74
CA TRP A 317 10.79 -13.62 -6.95
C TRP A 317 10.99 -14.72 -7.99
N ALA A 318 10.20 -15.78 -7.87
CA ALA A 318 10.15 -16.82 -8.90
C ALA A 318 9.67 -16.20 -10.20
N LEU A 319 10.34 -16.51 -11.31
CA LEU A 319 10.01 -15.94 -12.61
C LEU A 319 8.66 -16.45 -13.12
N GLU A 320 8.30 -17.64 -12.66
CA GLU A 320 7.02 -18.25 -12.97
C GLU A 320 6.02 -17.93 -11.87
N PRO A 321 5.00 -17.11 -12.17
CA PRO A 321 4.00 -16.62 -11.22
C PRO A 321 3.36 -17.72 -10.35
N THR A 322 2.98 -18.84 -10.94
CA THR A 322 2.30 -19.91 -10.19
C THR A 322 3.24 -20.66 -9.24
N HIS A 323 4.53 -20.33 -9.27
CA HIS A 323 5.51 -20.96 -8.39
C HIS A 323 5.77 -20.10 -7.15
N ARG A 324 5.24 -18.88 -7.15
CA ARG A 324 5.35 -17.99 -6.00
C ARG A 324 4.41 -18.45 -4.89
N PRO A 325 4.77 -18.14 -3.63
CA PRO A 325 3.91 -18.52 -2.50
C PRO A 325 2.62 -17.74 -2.52
N THR A 326 1.58 -18.26 -1.86
CA THR A 326 0.35 -17.52 -1.68
C THR A 326 0.51 -16.67 -0.43
N PHE A 327 -0.26 -15.59 -0.34
CA PHE A 327 -0.19 -14.71 0.82
C PHE A 327 -0.56 -15.44 2.11
N GLN A 328 -1.36 -16.50 1.99
CA GLN A 328 -1.73 -17.30 3.14
C GLN A 328 -0.57 -18.16 3.62
N GLN A 329 0.18 -18.72 2.69
CA GLN A 329 1.37 -19.51 3.02
C GLN A 329 2.39 -18.61 3.72
N ILE A 330 2.60 -17.43 3.15
CA ILE A 330 3.51 -16.45 3.71
C ILE A 330 3.09 -16.03 5.13
N THR A 331 1.80 -15.84 5.32
CA THR A 331 1.27 -15.39 6.61
C THR A 331 1.46 -16.44 7.69
N SER A 332 1.13 -17.69 7.38
CA SER A 332 1.26 -18.79 8.33
C SER A 332 2.73 -19.04 8.69
N PHE A 333 3.62 -18.86 7.72
CA PHE A 333 5.04 -19.04 7.98
C PHE A 333 5.59 -17.91 8.86
N LEU A 334 5.25 -16.67 8.52
CA LEU A 334 5.75 -15.52 9.26
C LEU A 334 5.21 -15.44 10.68
N GLN A 335 3.93 -15.77 10.83
CA GLN A 335 3.32 -15.82 12.15
C GLN A 335 4.05 -16.83 13.04
N GLU A 336 4.41 -17.97 12.45
CA GLU A 336 5.17 -18.99 13.16
C GLU A 336 6.55 -18.47 13.54
N GLN A 337 7.13 -17.68 12.64
CA GLN A 337 8.47 -17.13 12.86
C GLN A 337 8.49 -16.05 13.94
N ALA A 338 7.41 -15.27 14.02
CA ALA A 338 7.29 -14.27 15.06
C ALA A 338 7.05 -14.91 16.42
N GLN A 339 6.96 -16.24 16.44
CA GLN A 339 6.74 -17.05 17.64
C GLN A 339 5.36 -16.85 18.23
C1 P31 B . -1.16 8.90 7.50
C2 P31 B . -1.87 8.52 8.63
N4 P31 B . -3.02 7.81 8.64
C5 P31 B . -1.62 8.56 6.24
C7 P31 B . -2.82 7.82 6.19
C8 P31 B . -3.43 7.49 7.40
N9 P31 B . -4.55 6.77 7.12
C11 P31 B . -3.62 7.26 5.14
C12 P31 B . -3.37 7.35 3.67
C15 P31 B . -4.34 6.43 3.02
C16 P31 B . -4.03 5.10 2.75
N18 P31 B . -4.89 4.22 2.18
C19 P31 B . -6.13 4.65 1.85
C20 P31 B . -6.52 5.96 2.09
C22 P31 B . -5.62 6.85 2.67
N24 P31 B . -7.07 3.80 1.26
C26 P31 B . -6.77 2.41 0.97
C29 P31 B . -7.17 2.19 -0.47
C30 P31 B . -4.68 6.63 5.77
C32 P31 B . -6.61 2.96 -1.47
N34 P31 B . -6.91 2.85 -2.78
C35 P31 B . -7.83 1.92 -3.12
C36 P31 B . -8.46 1.11 -2.19
C38 P31 B . -8.12 1.25 -0.84
C40 P31 B . -8.16 1.84 -4.57
F41 P31 B . -9.50 1.79 -4.79
F42 P31 B . -7.70 2.92 -5.25
F43 P31 B . -7.67 0.78 -5.25
CL1 P31 B . 0.28 9.81 7.61
#